data_9S26
#
_entry.id   9S26
#
_cell.length_a   89.683
_cell.length_b   89.683
_cell.length_c   133.905
_cell.angle_alpha   90.00
_cell.angle_beta   90.00
_cell.angle_gamma   90.00
#
_symmetry.space_group_name_H-M   'P 43 21 2'
#
loop_
_entity.id
_entity.type
_entity.pdbx_description
1 polymer 'NAD-dependent protein deacetylase sirtuin-2'
2 polymer 'TNFa-derived lysine triazole dodecyl inhibitor'
3 non-polymer 'ZINC ION'
4 non-polymer '[[(2~{R},3~{S},4~{R},5~{R})-5-(6-aminopurin-9-yl)-3,4-bis(oxidanyl)oxolan-2-yl]methoxy-oxidanyl-phosphoryl] [(2~{R},3~{S},4~{R},5~{S})-5-(5-dodecyl-3-propyl-1,2,3$l^{4}-triazacyclopenta-2,4-dien-1-yl)-3,4-bis(oxidanyl)oxolan-2-yl]methyl hydrogen phosphate'
5 water water
#
loop_
_entity_poly.entity_id
_entity_poly.type
_entity_poly.pdbx_seq_one_letter_code
_entity_poly.pdbx_strand_id
1 'polypeptide(L)'
;GHMERLLDELTLEGVARYMQSERCRRVICLVGAGISTSAGIPDFRSPSTGLYDNLEKYHLPYPEAIFEISYFKKHPEPFF
ALAKELYPGQFKPTICHYFMRLLKDKGLLLRCYTQNIDTLERIAGLEQEDLVEAHGTFYTSHCVSASCRHEYPLSWMKEK
IFSEVTPKCEDCQSLVKPDIVFFGESLPARFFSCMQSDFLKVDLLLVMGTSLQVQPFASLISKAPLSTPRLLINKEKAGQ
SDPFLGMIMGLGGGMDFDSKKAYRDVAWLGECDQGCLALAELLGWKKELEDLVRREHASIDAQS
;
A
2 'polypeptide(L)' EALPKATGG C
#
loop_
_chem_comp.id
_chem_comp.type
_chem_comp.name
_chem_comp.formula
A1JK8 non-polymer '[[(2~{R},3~{S},4~{R},5~{R})-5-(6-aminopurin-9-yl)-3,4-bis(oxidanyl)oxolan-2-yl]methoxy-oxidanyl-phosphoryl] [(2~{R},3~{S},4~{R},5~{S})-5-(5-dodecyl-3-propyl-1,2,3$l^{4}-triazacyclopenta-2,4-dien-1-yl)-3,4-bis(oxidanyl)oxolan-2-yl]methyl hydrogen phosphate' 'C32 H55 N8 O13 P2 1'
ZN non-polymer 'ZINC ION' 'Zn 2'
#
# COMPACT_ATOMS: atom_id res chain seq x y z
N ARG A 5 25.97 -7.30 -12.94
CA ARG A 5 24.64 -7.64 -12.45
C ARG A 5 24.74 -8.50 -11.20
N LEU A 6 23.91 -8.18 -10.21
CA LEU A 6 23.92 -8.93 -8.95
C LEU A 6 23.07 -10.20 -9.01
N LEU A 7 22.11 -10.27 -9.93
CA LEU A 7 21.35 -11.50 -10.16
C LEU A 7 22.03 -12.34 -11.23
N ASP A 8 21.98 -13.67 -11.05
CA ASP A 8 22.56 -14.59 -12.03
C ASP A 8 21.51 -15.18 -12.98
N GLU A 9 20.25 -14.82 -12.82
CA GLU A 9 19.18 -15.26 -13.71
C GLU A 9 17.94 -14.40 -13.43
N LEU A 10 17.40 -13.76 -14.45
CA LEU A 10 16.29 -12.83 -14.27
C LEU A 10 14.99 -13.58 -14.03
N THR A 11 14.95 -14.35 -12.94
CA THR A 11 13.79 -15.15 -12.58
C THR A 11 13.61 -15.09 -11.07
N LEU A 12 12.42 -15.53 -10.63
CA LEU A 12 12.12 -15.54 -9.20
C LEU A 12 13.18 -16.31 -8.41
N GLU A 13 13.68 -17.41 -8.99
CA GLU A 13 14.67 -18.24 -8.30
C GLU A 13 16.00 -17.50 -8.17
N GLY A 14 16.38 -16.72 -9.19
CA GLY A 14 17.59 -15.91 -9.09
C GLY A 14 17.48 -14.86 -8.00
N VAL A 15 16.32 -14.21 -7.90
CA VAL A 15 16.08 -13.27 -6.81
C VAL A 15 16.19 -13.99 -5.46
N ALA A 16 15.64 -15.19 -5.35
CA ALA A 16 15.71 -15.91 -4.07
C ALA A 16 17.14 -16.23 -3.71
N ARG A 17 17.94 -16.67 -4.68
CA ARG A 17 19.34 -16.96 -4.40
C ARG A 17 20.09 -15.70 -3.98
N TYR A 18 19.77 -14.56 -4.62
CA TYR A 18 20.37 -13.30 -4.21
C TYR A 18 20.01 -12.95 -2.76
N MET A 19 18.73 -13.07 -2.41
CA MET A 19 18.28 -12.77 -1.06
C MET A 19 18.96 -13.67 -0.04
N GLN A 20 19.34 -14.88 -0.44
CA GLN A 20 20.08 -15.74 0.49
C GLN A 20 21.55 -15.36 0.61
N SER A 21 22.11 -14.65 -0.37
CA SER A 21 23.50 -14.23 -0.28
C SER A 21 23.67 -13.12 0.76
N GLU A 22 24.94 -12.83 1.08
CA GLU A 22 25.24 -11.87 2.14
C GLU A 22 25.21 -10.42 1.67
N ARG A 23 25.22 -10.16 0.36
CA ARG A 23 25.06 -8.79 -0.09
C ARG A 23 23.67 -8.24 0.19
N CYS A 24 22.66 -9.09 0.17
CA CYS A 24 21.28 -8.65 0.31
C CYS A 24 20.92 -8.59 1.79
N ARG A 25 21.06 -7.40 2.37
CA ARG A 25 20.76 -7.16 3.78
C ARG A 25 19.52 -6.34 4.02
N ARG A 26 19.22 -5.39 3.13
CA ARG A 26 18.14 -4.44 3.35
C ARG A 26 17.17 -4.50 2.18
N VAL A 27 15.92 -4.85 2.47
CA VAL A 27 14.87 -4.97 1.48
C VAL A 27 13.86 -3.87 1.72
N ILE A 28 13.46 -3.16 0.68
CA ILE A 28 12.35 -2.22 0.75
C ILE A 28 11.18 -2.82 -0.03
N CYS A 29 9.99 -2.80 0.57
CA CYS A 29 8.76 -3.19 -0.11
C CYS A 29 7.97 -1.95 -0.51
N LEU A 30 7.46 -1.97 -1.74
CA LEU A 30 6.54 -0.95 -2.22
C LEU A 30 5.25 -1.68 -2.61
N VAL A 31 4.17 -1.43 -1.89
CA VAL A 31 2.96 -2.23 -2.06
C VAL A 31 1.76 -1.33 -2.38
N GLY A 32 0.76 -1.93 -3.02
CA GLY A 32 -0.45 -1.23 -3.40
C GLY A 32 -1.72 -2.04 -3.18
N ALA A 33 -2.83 -1.56 -3.75
CA ALA A 33 -4.12 -2.19 -3.50
C ALA A 33 -4.16 -3.66 -3.91
N GLY A 34 -3.26 -4.09 -4.80
CA GLY A 34 -3.32 -5.45 -5.30
C GLY A 34 -3.05 -6.50 -4.24
N ILE A 35 -2.29 -6.15 -3.20
CA ILE A 35 -1.98 -7.12 -2.14
C ILE A 35 -3.12 -7.25 -1.14
N SER A 36 -4.22 -6.53 -1.32
CA SER A 36 -5.37 -6.67 -0.43
C SER A 36 -6.62 -7.17 -1.13
N THR A 37 -6.64 -7.28 -2.46
CA THR A 37 -7.84 -7.76 -3.14
C THR A 37 -8.27 -9.13 -2.63
N SER A 38 -7.32 -10.02 -2.37
CA SER A 38 -7.67 -11.34 -1.87
C SER A 38 -8.16 -11.31 -0.43
N ALA A 39 -8.22 -10.14 0.19
CA ALA A 39 -8.79 -9.98 1.52
C ALA A 39 -10.18 -9.37 1.50
N GLY A 40 -10.73 -9.09 0.31
CA GLY A 40 -12.06 -8.56 0.15
C GLY A 40 -12.11 -7.12 -0.29
N ILE A 41 -11.03 -6.38 -0.09
CA ILE A 41 -11.00 -4.97 -0.45
C ILE A 41 -10.66 -4.86 -1.94
N PRO A 42 -11.56 -4.36 -2.78
CA PRO A 42 -11.24 -4.22 -4.20
C PRO A 42 -10.14 -3.20 -4.43
N ASP A 43 -9.49 -3.30 -5.59
CA ASP A 43 -8.52 -2.30 -5.98
C ASP A 43 -9.23 -1.18 -6.72
N PHE A 44 -8.50 -0.38 -7.47
CA PHE A 44 -9.06 0.79 -8.13
C PHE A 44 -9.22 0.61 -9.62
N ARG A 45 -8.20 0.09 -10.31
CA ARG A 45 -8.15 0.13 -11.75
C ARG A 45 -8.31 -1.24 -12.40
N SER A 46 -8.74 -2.25 -11.65
CA SER A 46 -8.89 -3.49 -12.40
C SER A 46 -10.29 -3.55 -13.01
N PRO A 47 -10.40 -4.10 -14.22
CA PRO A 47 -11.70 -4.06 -14.92
C PRO A 47 -12.79 -4.80 -14.17
N SER A 48 -13.99 -4.19 -14.19
CA SER A 48 -15.21 -4.76 -13.60
CA SER A 48 -15.21 -4.74 -13.60
C SER A 48 -15.15 -4.82 -12.07
N THR A 49 -14.08 -5.37 -11.53
CA THR A 49 -13.96 -5.47 -10.08
C THR A 49 -13.48 -4.19 -9.42
N GLY A 50 -12.78 -3.32 -10.16
CA GLY A 50 -12.18 -2.17 -9.55
C GLY A 50 -13.18 -1.09 -9.19
N LEU A 51 -12.77 -0.22 -8.25
CA LEU A 51 -13.69 0.81 -7.77
C LEU A 51 -14.05 1.79 -8.87
N TYR A 52 -13.11 2.11 -9.75
CA TYR A 52 -13.34 3.13 -10.76
C TYR A 52 -14.41 2.72 -11.76
N ASP A 53 -14.69 1.42 -11.89
CA ASP A 53 -15.81 0.94 -12.69
C ASP A 53 -17.00 0.55 -11.83
N ASN A 54 -17.19 1.24 -10.69
CA ASN A 54 -18.37 1.04 -9.86
C ASN A 54 -18.84 2.35 -9.20
N LEU A 55 -18.71 3.48 -9.90
CA LEU A 55 -18.93 4.82 -9.34
C LEU A 55 -19.85 5.66 -10.22
N GLU A 56 -20.88 5.05 -10.80
CA GLU A 56 -21.89 5.82 -11.51
C GLU A 56 -23.08 6.19 -10.63
N LYS A 57 -23.43 5.35 -9.66
CA LYS A 57 -24.44 5.72 -8.67
C LYS A 57 -24.13 7.09 -8.05
N TYR A 58 -22.86 7.35 -7.77
CA TYR A 58 -22.38 8.69 -7.46
C TYR A 58 -22.04 9.37 -8.79
N HIS A 59 -22.70 10.49 -9.07
CA HIS A 59 -22.51 11.21 -10.32
C HIS A 59 -21.35 12.17 -10.15
N LEU A 60 -20.24 11.90 -10.84
CA LEU A 60 -18.97 12.55 -10.60
C LEU A 60 -18.41 13.13 -11.90
N PRO A 61 -17.65 14.24 -11.80
CA PRO A 61 -16.99 14.77 -13.00
C PRO A 61 -15.95 13.82 -13.57
N TYR A 62 -15.09 13.30 -12.70
CA TYR A 62 -14.15 12.23 -12.97
C TYR A 62 -14.22 11.24 -11.82
N PRO A 63 -13.87 9.97 -12.05
CA PRO A 63 -14.04 8.97 -10.97
C PRO A 63 -13.17 9.23 -9.76
N GLU A 64 -12.09 9.98 -9.93
CA GLU A 64 -11.12 10.22 -8.87
C GLU A 64 -11.52 11.38 -7.96
N ALA A 65 -12.60 12.10 -8.32
CA ALA A 65 -13.07 13.21 -7.50
C ALA A 65 -13.52 12.76 -6.12
N ILE A 66 -14.07 11.54 -6.02
CA ILE A 66 -14.45 11.00 -4.74
C ILE A 66 -13.26 10.85 -3.80
N PHE A 67 -12.02 11.00 -4.32
CA PHE A 67 -10.81 10.96 -3.53
C PHE A 67 -9.97 12.23 -3.69
N GLU A 68 -10.57 13.31 -4.17
CA GLU A 68 -9.91 14.60 -4.35
C GLU A 68 -10.43 15.60 -3.33
N ILE A 69 -9.51 16.40 -2.76
CA ILE A 69 -9.81 17.12 -1.53
C ILE A 69 -10.78 18.28 -1.76
N SER A 70 -10.65 19.01 -2.87
CA SER A 70 -11.58 20.12 -3.10
C SER A 70 -13.00 19.62 -3.32
N TYR A 71 -13.18 18.60 -4.15
CA TYR A 71 -14.50 18.03 -4.34
C TYR A 71 -15.05 17.47 -3.04
N PHE A 72 -14.19 16.87 -2.21
CA PHE A 72 -14.66 16.35 -0.94
C PHE A 72 -15.17 17.48 -0.05
N LYS A 73 -14.42 18.58 0.02
CA LYS A 73 -14.84 19.69 0.86
C LYS A 73 -16.14 20.32 0.34
N LYS A 74 -16.41 20.21 -0.96
CA LYS A 74 -17.69 20.72 -1.46
C LYS A 74 -18.79 19.66 -1.47
N HIS A 75 -18.47 18.39 -1.74
CA HIS A 75 -19.46 17.32 -1.78
C HIS A 75 -18.91 16.09 -1.07
N PRO A 76 -19.04 16.05 0.26
CA PRO A 76 -18.47 14.91 1.00
C PRO A 76 -19.34 13.66 0.98
N GLU A 77 -20.61 13.77 0.62
CA GLU A 77 -21.55 12.66 0.74
C GLU A 77 -21.20 11.44 -0.13
N PRO A 78 -20.78 11.59 -1.39
CA PRO A 78 -20.38 10.39 -2.15
C PRO A 78 -19.30 9.57 -1.46
N PHE A 79 -18.29 10.24 -0.89
CA PHE A 79 -17.19 9.54 -0.24
C PHE A 79 -17.69 8.72 0.94
N PHE A 80 -18.49 9.33 1.82
CA PHE A 80 -18.95 8.60 2.98
C PHE A 80 -19.95 7.50 2.62
N ALA A 81 -20.69 7.68 1.52
CA ALA A 81 -21.54 6.59 1.02
C ALA A 81 -20.70 5.40 0.57
N LEU A 82 -19.65 5.66 -0.23
CA LEU A 82 -18.73 4.60 -0.60
C LEU A 82 -18.06 3.97 0.62
N ALA A 83 -17.82 4.77 1.66
CA ALA A 83 -17.24 4.25 2.90
C ALA A 83 -18.16 3.25 3.56
N LYS A 84 -19.42 3.64 3.78
CA LYS A 84 -20.39 2.69 4.35
C LYS A 84 -20.55 1.46 3.46
N GLU A 85 -20.36 1.61 2.14
CA GLU A 85 -20.53 0.49 1.22
C GLU A 85 -19.39 -0.52 1.32
N LEU A 86 -18.14 -0.04 1.36
CA LEU A 86 -16.99 -0.91 1.25
C LEU A 86 -16.41 -1.36 2.58
N TYR A 87 -16.89 -0.86 3.70
CA TYR A 87 -16.32 -1.23 4.99
C TYR A 87 -16.45 -2.74 5.18
N PRO A 88 -15.34 -3.47 5.30
CA PRO A 88 -15.42 -4.94 5.26
C PRO A 88 -15.93 -5.51 6.56
N GLY A 89 -16.47 -6.72 6.46
CA GLY A 89 -16.85 -7.44 7.65
C GLY A 89 -15.65 -7.81 8.51
N GLN A 90 -14.52 -8.10 7.87
CA GLN A 90 -13.33 -8.56 8.57
C GLN A 90 -12.09 -7.90 7.97
N PHE A 91 -11.05 -7.81 8.80
CA PHE A 91 -9.75 -7.29 8.42
C PHE A 91 -8.73 -8.41 8.61
N LYS A 92 -8.52 -9.22 7.56
CA LYS A 92 -7.53 -10.29 7.60
C LYS A 92 -6.41 -10.00 6.60
N PRO A 93 -5.17 -9.81 7.06
CA PRO A 93 -4.07 -9.63 6.10
C PRO A 93 -3.82 -10.90 5.29
N THR A 94 -3.26 -10.70 4.10
CA THR A 94 -3.04 -11.77 3.14
C THR A 94 -1.66 -12.42 3.32
N ILE A 95 -1.45 -13.50 2.55
CA ILE A 95 -0.16 -14.19 2.53
C ILE A 95 0.96 -13.20 2.25
N CYS A 96 0.69 -12.22 1.39
CA CYS A 96 1.71 -11.24 1.05
C CYS A 96 2.05 -10.36 2.26
N HIS A 97 1.04 -9.94 3.03
CA HIS A 97 1.31 -9.18 4.25
C HIS A 97 2.19 -9.96 5.21
N TYR A 98 1.90 -11.25 5.40
CA TYR A 98 2.69 -12.07 6.31
C TYR A 98 4.05 -12.43 5.74
N PHE A 99 4.20 -12.42 4.42
CA PHE A 99 5.54 -12.51 3.84
C PHE A 99 6.37 -11.29 4.26
N MET A 100 5.77 -10.11 4.25
CA MET A 100 6.50 -8.93 4.75
C MET A 100 6.78 -9.06 6.24
N ARG A 101 5.81 -9.58 6.98
CA ARG A 101 6.05 -9.91 8.39
C ARG A 101 7.29 -10.78 8.56
N LEU A 102 7.43 -11.82 7.73
CA LEU A 102 8.61 -12.68 7.82
C LEU A 102 9.89 -11.93 7.49
N LEU A 103 9.85 -11.03 6.50
CA LEU A 103 11.02 -10.21 6.22
C LEU A 103 11.41 -9.38 7.43
N LYS A 104 10.41 -8.86 8.16
CA LYS A 104 10.71 -8.12 9.38
C LYS A 104 11.35 -9.04 10.42
N ASP A 105 10.74 -10.20 10.66
CA ASP A 105 11.20 -11.07 11.74
C ASP A 105 12.61 -11.61 11.49
N LYS A 106 13.09 -11.57 10.25
CA LYS A 106 14.42 -12.05 9.94
C LYS A 106 15.43 -10.92 9.76
N GLY A 107 15.05 -9.69 10.13
CA GLY A 107 15.94 -8.55 10.01
C GLY A 107 16.24 -8.10 8.59
N LEU A 108 15.42 -8.50 7.61
CA LEU A 108 15.65 -8.12 6.23
C LEU A 108 14.88 -6.88 5.80
N LEU A 109 13.79 -6.53 6.49
CA LEU A 109 12.92 -5.44 6.07
C LEU A 109 13.49 -4.12 6.57
N LEU A 110 13.99 -3.30 5.64
CA LEU A 110 14.35 -1.94 6.01
C LEU A 110 13.11 -1.07 6.15
N ARG A 111 12.17 -1.16 5.21
CA ARG A 111 10.96 -0.36 5.28
C ARG A 111 9.92 -0.94 4.32
N CYS A 112 8.66 -0.75 4.67
CA CYS A 112 7.53 -0.99 3.78
C CYS A 112 6.86 0.34 3.50
N TYR A 113 6.97 0.82 2.26
CA TYR A 113 6.18 1.96 1.79
C TYR A 113 4.88 1.45 1.20
N THR A 114 3.74 1.85 1.78
CA THR A 114 2.46 1.36 1.31
C THR A 114 1.56 2.49 0.83
N GLN A 115 0.75 2.20 -0.19
CA GLN A 115 -0.31 3.10 -0.62
C GLN A 115 -1.64 2.76 0.00
N ASN A 116 -1.73 1.66 0.75
CA ASN A 116 -3.01 1.20 1.26
C ASN A 116 -3.37 1.92 2.56
N ILE A 117 -4.67 2.08 2.77
CA ILE A 117 -5.20 2.76 3.94
C ILE A 117 -5.97 1.80 4.85
N ASP A 118 -5.85 0.49 4.65
CA ASP A 118 -6.65 -0.50 5.37
C ASP A 118 -6.00 -0.99 6.68
N THR A 119 -4.81 -0.54 7.02
CA THR A 119 -4.09 -0.92 8.24
C THR A 119 -3.74 -2.41 8.29
N LEU A 120 -3.78 -3.11 7.16
CA LEU A 120 -3.54 -4.55 7.21
C LEU A 120 -2.07 -4.86 7.49
N GLU A 121 -1.15 -3.99 7.06
CA GLU A 121 0.26 -4.16 7.41
C GLU A 121 0.44 -4.14 8.93
N ARG A 122 -0.22 -3.20 9.61
CA ARG A 122 -0.16 -3.12 11.06
C ARG A 122 -0.71 -4.37 11.70
N ILE A 123 -1.87 -4.83 11.24
CA ILE A 123 -2.47 -6.04 11.79
C ILE A 123 -1.59 -7.25 11.52
N ALA A 124 -0.86 -7.26 10.40
CA ALA A 124 0.08 -8.35 10.14
C ALA A 124 1.24 -8.36 11.13
N GLY A 125 1.49 -7.24 11.81
CA GLY A 125 2.56 -7.18 12.78
C GLY A 125 3.71 -6.26 12.40
N LEU A 126 3.58 -5.49 11.32
CA LEU A 126 4.58 -4.49 10.99
C LEU A 126 4.37 -3.27 11.89
N GLU A 127 5.41 -2.88 12.63
CA GLU A 127 5.31 -1.77 13.57
C GLU A 127 5.50 -0.42 12.86
N GLN A 128 5.22 0.67 13.59
CA GLN A 128 5.29 1.99 13.00
C GLN A 128 6.66 2.27 12.39
N GLU A 129 7.73 1.88 13.09
CA GLU A 129 9.08 2.13 12.60
C GLU A 129 9.32 1.45 11.25
N ASP A 130 8.64 0.32 10.98
CA ASP A 130 8.80 -0.40 9.73
C ASP A 130 8.03 0.22 8.57
N LEU A 131 7.01 1.01 8.85
CA LEU A 131 6.04 1.43 7.87
C LEU A 131 6.24 2.88 7.44
N VAL A 132 5.95 3.13 6.17
CA VAL A 132 5.72 4.49 5.66
C VAL A 132 4.36 4.42 4.98
N GLU A 133 3.33 4.87 5.70
CA GLU A 133 1.98 4.88 5.15
C GLU A 133 1.87 6.16 4.32
N ALA A 134 2.37 6.08 3.09
CA ALA A 134 2.53 7.27 2.24
C ALA A 134 1.23 8.03 2.06
N HIS A 135 0.08 7.35 2.09
CA HIS A 135 -1.19 8.01 1.81
C HIS A 135 -2.14 7.98 3.00
N GLY A 136 -1.61 7.82 4.20
CA GLY A 136 -2.40 7.93 5.41
C GLY A 136 -3.09 6.63 5.80
N THR A 137 -4.15 6.79 6.57
CA THR A 137 -4.90 5.65 7.08
C THR A 137 -6.36 6.05 7.28
N PHE A 138 -7.23 5.04 7.23
CA PHE A 138 -8.63 5.21 7.61
C PHE A 138 -8.84 5.14 9.12
N TYR A 139 -7.79 4.79 9.88
CA TYR A 139 -7.96 4.39 11.27
C TYR A 139 -8.33 5.59 12.15
N THR A 140 -7.66 6.72 11.96
CA THR A 140 -7.96 7.94 12.70
C THR A 140 -8.56 8.99 11.77
N SER A 141 -9.23 9.98 12.37
CA SER A 141 -9.91 11.03 11.61
C SER A 141 -9.81 12.35 12.35
N HIS A 142 -9.85 13.44 11.59
CA HIS A 142 -9.64 14.76 12.15
C HIS A 142 -10.61 15.76 11.53
N CYS A 143 -10.91 16.79 12.32
CA CYS A 143 -11.61 17.95 11.80
C CYS A 143 -10.73 18.67 10.78
N VAL A 144 -11.36 19.14 9.68
CA VAL A 144 -10.58 19.68 8.58
C VAL A 144 -10.09 21.11 8.81
N SER A 145 -10.59 21.79 9.83
CA SER A 145 -10.09 23.12 10.17
C SER A 145 -8.68 23.03 10.77
N ALA A 146 -7.71 23.68 10.12
CA ALA A 146 -6.32 23.56 10.54
C ALA A 146 -6.05 24.23 11.89
N SER A 147 -6.92 25.14 12.32
CA SER A 147 -6.78 25.77 13.63
CA SER A 147 -6.78 25.77 13.63
C SER A 147 -7.45 24.98 14.74
N CYS A 148 -8.24 23.95 14.41
CA CYS A 148 -8.91 23.11 15.39
C CYS A 148 -8.26 21.74 15.45
N ARG A 149 -8.44 20.93 14.40
CA ARG A 149 -7.81 19.62 14.27
C ARG A 149 -8.22 18.67 15.39
N HIS A 150 -9.44 18.82 15.90
CA HIS A 150 -9.98 17.90 16.89
C HIS A 150 -10.00 16.48 16.32
N GLU A 151 -9.40 15.54 17.06
CA GLU A 151 -9.30 14.16 16.60
C GLU A 151 -10.49 13.34 17.09
N TYR A 152 -10.89 12.36 16.27
CA TYR A 152 -12.02 11.49 16.57
C TYR A 152 -11.67 10.05 16.25
N PRO A 153 -12.09 9.11 17.11
CA PRO A 153 -11.73 7.70 16.92
C PRO A 153 -12.61 7.01 15.89
N LEU A 154 -12.15 5.83 15.45
CA LEU A 154 -12.86 5.08 14.41
C LEU A 154 -14.27 4.70 14.83
N SER A 155 -14.52 4.61 16.14
CA SER A 155 -15.86 4.28 16.60
C SER A 155 -16.85 5.40 16.31
N TRP A 156 -16.46 6.64 16.59
CA TRP A 156 -17.28 7.80 16.27
C TRP A 156 -17.51 7.91 14.77
N MET A 157 -16.46 7.69 13.99
CA MET A 157 -16.57 7.71 12.53
C MET A 157 -17.53 6.62 12.04
N LYS A 158 -17.50 5.43 12.66
CA LYS A 158 -18.40 4.36 12.21
C LYS A 158 -19.84 4.65 12.59
N GLU A 159 -20.08 5.16 13.80
CA GLU A 159 -21.43 5.57 14.17
C GLU A 159 -21.98 6.58 13.18
N LYS A 160 -21.19 7.62 12.88
CA LYS A 160 -21.68 8.66 11.97
C LYS A 160 -21.85 8.14 10.55
N ILE A 161 -20.94 7.29 10.08
CA ILE A 161 -21.01 6.78 8.70
C ILE A 161 -22.20 5.87 8.53
N PHE A 162 -22.37 4.90 9.44
CA PHE A 162 -23.47 3.95 9.30
C PHE A 162 -24.82 4.58 9.65
N SER A 163 -24.84 5.59 10.54
CA SER A 163 -26.06 6.36 10.70
C SER A 163 -26.34 7.27 9.52
N GLU A 164 -25.48 7.26 8.50
CA GLU A 164 -25.63 8.08 7.29
C GLU A 164 -25.68 9.57 7.62
N VAL A 165 -24.97 9.97 8.67
CA VAL A 165 -24.88 11.37 9.08
C VAL A 165 -23.46 11.86 8.78
N THR A 166 -23.36 12.88 7.94
CA THR A 166 -22.05 13.40 7.55
C THR A 166 -21.31 13.89 8.78
N PRO A 167 -20.09 13.41 9.04
CA PRO A 167 -19.43 13.70 10.31
C PRO A 167 -19.02 15.17 10.42
N LYS A 168 -19.36 15.77 11.55
CA LYS A 168 -19.05 17.17 11.80
C LYS A 168 -18.37 17.32 13.16
N CYS A 169 -17.49 18.30 13.26
CA CYS A 169 -16.72 18.50 14.46
C CYS A 169 -17.56 19.22 15.51
N GLU A 170 -17.59 18.67 16.73
CA GLU A 170 -18.40 19.22 17.80
C GLU A 170 -17.91 20.57 18.32
N ASP A 171 -16.79 21.10 17.80
CA ASP A 171 -16.28 22.41 18.19
C ASP A 171 -16.46 23.47 17.12
N CYS A 172 -16.07 23.17 15.87
CA CYS A 172 -16.23 24.07 14.73
C CYS A 172 -17.55 23.93 13.99
N GLN A 173 -18.19 22.75 14.07
CA GLN A 173 -19.17 22.29 13.09
C GLN A 173 -18.58 22.09 11.71
N SER A 174 -17.25 22.01 11.60
CA SER A 174 -16.60 21.76 10.32
C SER A 174 -16.64 20.27 9.97
N LEU A 175 -16.19 19.96 8.76
CA LEU A 175 -16.21 18.58 8.28
C LEU A 175 -15.10 17.75 8.94
N VAL A 176 -15.38 16.46 9.13
CA VAL A 176 -14.42 15.54 9.74
C VAL A 176 -14.04 14.50 8.69
N LYS A 177 -12.76 14.42 8.39
CA LYS A 177 -12.22 13.60 7.31
C LYS A 177 -11.28 12.55 7.89
N PRO A 178 -11.35 11.31 7.41
CA PRO A 178 -10.36 10.31 7.83
C PRO A 178 -8.97 10.71 7.35
N ASP A 179 -7.95 10.25 8.07
CA ASP A 179 -6.59 10.72 7.85
C ASP A 179 -5.97 10.15 6.58
N ILE A 180 -6.72 10.22 5.48
CA ILE A 180 -6.25 9.76 4.17
C ILE A 180 -5.69 10.96 3.41
N VAL A 181 -4.57 10.75 2.72
CA VAL A 181 -4.04 11.75 1.79
C VAL A 181 -4.89 11.70 0.53
N PHE A 182 -5.86 12.60 0.41
CA PHE A 182 -6.59 12.73 -0.85
C PHE A 182 -5.68 13.29 -1.94
N PHE A 183 -6.12 13.13 -3.19
CA PHE A 183 -5.44 13.80 -4.29
C PHE A 183 -5.41 15.30 -4.01
N GLY A 184 -4.26 15.93 -4.29
CA GLY A 184 -4.11 17.35 -4.00
C GLY A 184 -3.76 17.68 -2.58
N GLU A 185 -3.49 16.69 -1.74
CA GLU A 185 -3.00 16.89 -0.38
C GLU A 185 -1.53 16.50 -0.30
N SER A 186 -0.81 17.13 0.61
CA SER A 186 0.60 16.86 0.79
C SER A 186 0.82 15.52 1.49
N LEU A 187 1.85 14.80 1.05
CA LEU A 187 2.23 13.57 1.72
C LEU A 187 2.86 13.88 3.07
N PRO A 188 2.81 12.94 4.03
CA PRO A 188 3.39 13.21 5.36
C PRO A 188 4.88 13.45 5.29
N ALA A 189 5.39 14.23 6.25
CA ALA A 189 6.82 14.53 6.30
C ALA A 189 7.65 13.26 6.53
N ARG A 190 7.08 12.25 7.19
CA ARG A 190 7.83 11.02 7.39
C ARG A 190 8.21 10.37 6.06
N PHE A 191 7.34 10.48 5.05
CA PHE A 191 7.65 9.94 3.72
C PHE A 191 8.96 10.51 3.19
N PHE A 192 9.09 11.83 3.21
CA PHE A 192 10.29 12.48 2.68
C PHE A 192 11.49 12.32 3.60
N SER A 193 11.27 12.12 4.90
CA SER A 193 12.39 11.85 5.79
C SER A 193 12.95 10.45 5.54
N CYS A 194 12.10 9.43 5.51
CA CYS A 194 12.57 8.07 5.29
C CYS A 194 13.20 7.91 3.91
N MET A 195 12.56 8.46 2.88
CA MET A 195 13.05 8.36 1.50
C MET A 195 14.51 8.79 1.34
N GLN A 196 14.96 9.79 2.09
CA GLN A 196 16.31 10.31 1.90
C GLN A 196 17.38 9.33 2.35
N SER A 197 17.08 8.53 3.36
CA SER A 197 18.07 7.59 3.85
C SER A 197 17.86 6.18 3.32
N ASP A 198 16.61 5.74 3.17
CA ASP A 198 16.33 4.34 2.87
C ASP A 198 16.90 3.90 1.54
N PHE A 199 16.83 4.76 0.52
CA PHE A 199 17.16 4.34 -0.82
C PHE A 199 18.64 4.50 -1.15
N LEU A 200 19.46 4.94 -0.19
CA LEU A 200 20.91 4.90 -0.37
C LEU A 200 21.49 3.55 0.01
N LYS A 201 20.79 2.76 0.80
CA LYS A 201 21.32 1.54 1.40
C LYS A 201 20.56 0.28 1.01
N VAL A 202 19.62 0.39 0.08
CA VAL A 202 18.71 -0.72 -0.20
C VAL A 202 19.38 -1.73 -1.12
N ASP A 203 19.23 -3.01 -0.79
CA ASP A 203 19.82 -4.07 -1.59
C ASP A 203 18.82 -4.75 -2.52
N LEU A 204 17.53 -4.56 -2.27
CA LEU A 204 16.48 -5.20 -3.05
C LEU A 204 15.20 -4.40 -2.93
N LEU A 205 14.60 -4.10 -4.07
CA LEU A 205 13.28 -3.50 -4.14
C LEU A 205 12.26 -4.59 -4.46
N LEU A 206 11.22 -4.69 -3.64
CA LEU A 206 10.16 -5.67 -3.84
C LEU A 206 8.87 -4.90 -4.07
N VAL A 207 8.42 -4.82 -5.32
CA VAL A 207 7.21 -4.09 -5.69
C VAL A 207 6.08 -5.10 -5.85
N MET A 208 4.95 -4.87 -5.18
CA MET A 208 3.87 -5.85 -5.21
C MET A 208 2.51 -5.17 -5.27
N GLY A 209 1.68 -5.58 -6.22
CA GLY A 209 0.28 -5.19 -6.24
C GLY A 209 -0.01 -3.71 -6.47
N THR A 210 0.70 -3.07 -7.40
CA THR A 210 0.45 -1.67 -7.67
C THR A 210 0.69 -1.36 -9.15
N SER A 211 -0.15 -0.48 -9.71
CA SER A 211 0.01 -0.04 -11.09
C SER A 211 1.02 1.07 -11.24
N LEU A 212 1.53 1.61 -10.12
CA LEU A 212 2.59 2.62 -10.12
C LEU A 212 2.19 3.85 -10.93
N GLN A 213 1.00 4.37 -10.65
CA GLN A 213 0.47 5.48 -11.43
C GLN A 213 0.23 6.74 -10.63
N VAL A 214 0.46 6.72 -9.32
CA VAL A 214 0.23 7.88 -8.45
C VAL A 214 1.59 8.40 -8.01
N GLN A 215 1.76 9.72 -8.09
CA GLN A 215 3.02 10.37 -7.75
C GLN A 215 2.89 11.11 -6.42
N PRO A 216 4.01 11.34 -5.73
CA PRO A 216 5.39 10.95 -6.05
C PRO A 216 5.73 9.53 -5.62
N PHE A 217 4.74 8.73 -5.20
CA PHE A 217 5.03 7.38 -4.73
C PHE A 217 5.76 6.55 -5.79
N ALA A 218 5.27 6.58 -7.03
CA ALA A 218 5.85 5.73 -8.08
C ALA A 218 7.32 6.04 -8.32
N SER A 219 7.71 7.31 -8.21
CA SER A 219 9.09 7.68 -8.45
CA SER A 219 9.10 7.70 -8.42
C SER A 219 10.05 6.96 -7.50
N LEU A 220 9.53 6.36 -6.42
CA LEU A 220 10.39 5.63 -5.51
C LEU A 220 11.18 4.54 -6.22
N ILE A 221 10.60 3.92 -7.26
CA ILE A 221 11.30 2.80 -7.89
C ILE A 221 12.63 3.24 -8.50
N SER A 222 12.78 4.52 -8.80
CA SER A 222 14.00 5.01 -9.41
C SER A 222 14.95 5.65 -8.41
N LYS A 223 14.62 5.65 -7.12
CA LYS A 223 15.55 6.26 -6.17
C LYS A 223 16.64 5.31 -5.72
N ALA A 224 16.50 4.01 -5.99
CA ALA A 224 17.48 3.03 -5.55
C ALA A 224 18.77 3.13 -6.36
N PRO A 225 19.87 2.58 -5.86
CA PRO A 225 21.09 2.48 -6.67
C PRO A 225 20.85 1.63 -7.92
N LEU A 226 21.51 2.02 -9.01
CA LEU A 226 21.28 1.36 -10.29
C LEU A 226 21.63 -0.13 -10.28
N SER A 227 22.46 -0.58 -9.35
CA SER A 227 22.74 -2.01 -9.24
C SER A 227 21.68 -2.77 -8.43
N THR A 228 20.76 -2.08 -7.77
CA THR A 228 19.81 -2.76 -6.88
C THR A 228 18.77 -3.54 -7.68
N PRO A 229 18.70 -4.86 -7.51
CA PRO A 229 17.66 -5.64 -8.19
C PRO A 229 16.26 -5.23 -7.71
N ARG A 230 15.29 -5.38 -8.61
CA ARG A 230 13.91 -4.98 -8.38
C ARG A 230 12.99 -6.08 -8.90
N LEU A 231 12.14 -6.62 -8.03
CA LEU A 231 11.22 -7.70 -8.36
C LEU A 231 9.79 -7.18 -8.30
N LEU A 232 9.06 -7.30 -9.41
CA LEU A 232 7.64 -6.96 -9.46
C LEU A 232 6.82 -8.25 -9.35
N ILE A 233 5.94 -8.31 -8.37
CA ILE A 233 4.95 -9.37 -8.24
C ILE A 233 3.58 -8.69 -8.41
N ASN A 234 2.97 -8.91 -9.56
CA ASN A 234 1.78 -8.17 -9.97
C ASN A 234 1.07 -8.94 -11.08
N LYS A 235 -0.24 -8.80 -11.18
CA LYS A 235 -0.96 -9.49 -12.24
C LYS A 235 -0.51 -9.01 -13.62
N GLU A 236 -0.01 -7.79 -13.71
CA GLU A 236 0.36 -7.17 -14.97
C GLU A 236 1.67 -6.42 -14.78
N LYS A 237 2.38 -6.18 -15.87
CA LYS A 237 3.57 -5.35 -15.79
C LYS A 237 3.20 -3.92 -15.41
N ALA A 238 4.12 -3.27 -14.68
CA ALA A 238 3.93 -1.90 -14.25
C ALA A 238 5.29 -1.22 -14.11
N GLY A 239 5.26 0.11 -14.07
CA GLY A 239 6.50 0.84 -13.85
C GLY A 239 7.45 0.87 -15.00
N GLN A 240 7.00 0.54 -16.22
CA GLN A 240 7.84 0.62 -17.40
C GLN A 240 7.76 2.02 -17.99
N SER A 241 8.90 2.51 -18.49
CA SER A 241 8.99 3.87 -19.02
C SER A 241 8.23 4.03 -20.34
N GLY A 253 15.91 5.66 -14.51
CA GLY A 253 14.97 4.78 -13.86
C GLY A 253 13.97 4.18 -14.83
N GLY A 254 13.07 3.36 -14.32
CA GLY A 254 12.07 2.70 -15.15
C GLY A 254 12.36 1.22 -15.25
N MET A 255 11.31 0.42 -15.11
CA MET A 255 11.47 -1.04 -15.12
C MET A 255 11.81 -1.52 -16.53
N ASP A 256 12.97 -2.17 -16.66
CA ASP A 256 13.39 -2.81 -17.91
C ASP A 256 13.38 -4.32 -17.68
N PHE A 257 12.29 -4.97 -18.08
CA PHE A 257 12.17 -6.42 -17.97
C PHE A 257 12.69 -7.13 -19.21
N ASP A 258 12.27 -6.67 -20.38
CA ASP A 258 12.35 -7.44 -21.62
C ASP A 258 13.57 -7.13 -22.47
N SER A 259 14.00 -5.86 -22.53
CA SER A 259 15.03 -5.43 -23.47
C SER A 259 16.29 -6.25 -23.40
N LYS A 260 17.09 -6.19 -24.46
CA LYS A 260 18.39 -6.85 -24.49
C LYS A 260 19.37 -6.20 -23.53
N LYS A 261 19.01 -5.04 -22.97
CA LYS A 261 19.81 -4.37 -21.94
C LYS A 261 19.35 -4.71 -20.52
N ALA A 262 18.29 -5.49 -20.36
CA ALA A 262 17.79 -5.82 -19.03
C ALA A 262 18.86 -6.53 -18.22
N TYR A 263 18.94 -6.21 -16.93
CA TYR A 263 20.01 -6.77 -16.11
C TYR A 263 19.62 -6.95 -14.64
N ARG A 264 18.49 -6.39 -14.21
CA ARG A 264 18.20 -6.43 -12.78
C ARG A 264 16.73 -6.49 -12.42
N ASP A 265 15.84 -6.25 -13.38
CA ASP A 265 14.40 -6.21 -13.11
C ASP A 265 13.77 -7.55 -13.46
N VAL A 266 12.98 -8.08 -12.53
CA VAL A 266 12.28 -9.35 -12.71
C VAL A 266 10.80 -9.12 -12.44
N ALA A 267 9.95 -9.60 -13.35
CA ALA A 267 8.51 -9.53 -13.19
C ALA A 267 7.95 -10.93 -13.02
N TRP A 268 7.12 -11.13 -12.00
CA TRP A 268 6.38 -12.37 -11.84
C TRP A 268 4.90 -12.04 -11.93
N LEU A 269 4.30 -12.40 -13.06
CA LEU A 269 2.91 -12.06 -13.36
C LEU A 269 1.99 -13.13 -12.80
N GLY A 270 1.17 -12.74 -11.83
CA GLY A 270 0.23 -13.67 -11.21
C GLY A 270 -0.35 -13.05 -9.97
N GLU A 271 -0.96 -13.90 -9.13
CA GLU A 271 -1.44 -13.45 -7.83
C GLU A 271 -0.27 -13.11 -6.93
N CYS A 272 -0.45 -12.06 -6.11
CA CYS A 272 0.57 -11.74 -5.12
C CYS A 272 0.76 -12.89 -4.14
N ASP A 273 -0.34 -13.49 -3.69
CA ASP A 273 -0.25 -14.59 -2.75
C ASP A 273 0.49 -15.79 -3.36
N GLN A 274 0.25 -16.08 -4.65
CA GLN A 274 0.92 -17.21 -5.30
C GLN A 274 2.41 -16.94 -5.48
N GLY A 275 2.76 -15.71 -5.89
CA GLY A 275 4.16 -15.34 -5.99
C GLY A 275 4.89 -15.33 -4.68
N CYS A 276 4.24 -14.91 -3.60
CA CYS A 276 4.88 -14.95 -2.29
C CYS A 276 5.04 -16.37 -1.78
N LEU A 277 4.05 -17.24 -2.03
CA LEU A 277 4.23 -18.67 -1.74
C LEU A 277 5.41 -19.24 -2.51
N ALA A 278 5.51 -18.92 -3.79
CA ALA A 278 6.58 -19.49 -4.60
C ALA A 278 7.94 -18.99 -4.13
N LEU A 279 8.06 -17.69 -3.88
CA LEU A 279 9.33 -17.13 -3.41
C LEU A 279 9.70 -17.67 -2.03
N ALA A 280 8.72 -17.80 -1.14
CA ALA A 280 8.97 -18.37 0.18
C ALA A 280 9.47 -19.81 0.07
N GLU A 281 8.87 -20.61 -0.81
CA GLU A 281 9.34 -21.97 -1.00
C GLU A 281 10.77 -21.98 -1.54
N LEU A 282 11.04 -21.17 -2.58
CA LEU A 282 12.40 -21.09 -3.10
C LEU A 282 13.40 -20.67 -2.03
N LEU A 283 12.96 -19.90 -1.03
CA LEU A 283 13.83 -19.47 0.06
C LEU A 283 13.99 -20.51 1.16
N GLY A 284 13.11 -21.50 1.22
CA GLY A 284 13.04 -22.39 2.36
C GLY A 284 12.17 -21.92 3.50
N TRP A 285 11.23 -21.01 3.26
CA TRP A 285 10.36 -20.45 4.29
C TRP A 285 8.90 -20.88 4.12
N LYS A 286 8.64 -21.93 3.33
CA LYS A 286 7.26 -22.28 2.98
C LYS A 286 6.43 -22.64 4.21
N LYS A 287 6.95 -23.54 5.04
CA LYS A 287 6.20 -23.96 6.21
C LYS A 287 6.04 -22.82 7.22
N GLU A 288 7.08 -21.99 7.38
CA GLU A 288 6.99 -20.81 8.23
C GLU A 288 5.81 -19.95 7.84
N LEU A 289 5.74 -19.58 6.56
CA LEU A 289 4.67 -18.72 6.07
C LEU A 289 3.31 -19.36 6.26
N GLU A 290 3.17 -20.66 5.96
CA GLU A 290 1.87 -21.31 6.15
C GLU A 290 1.43 -21.30 7.61
N ASP A 291 2.35 -21.63 8.52
CA ASP A 291 1.99 -21.62 9.94
C ASP A 291 1.68 -20.23 10.43
N LEU A 292 2.45 -19.23 9.97
CA LEU A 292 2.19 -17.86 10.38
C LEU A 292 0.78 -17.43 9.96
N VAL A 293 0.43 -17.70 8.70
CA VAL A 293 -0.90 -17.31 8.23
C VAL A 293 -1.98 -18.01 9.05
N ARG A 294 -1.82 -19.31 9.32
CA ARG A 294 -2.82 -20.04 10.08
CA ARG A 294 -2.83 -20.05 10.09
C ARG A 294 -2.97 -19.48 11.49
N ARG A 295 -1.86 -19.35 12.21
CA ARG A 295 -1.90 -18.87 13.59
C ARG A 295 -2.51 -17.46 13.67
N GLU A 296 -2.15 -16.58 12.75
CA GLU A 296 -2.65 -15.21 12.84
C GLU A 296 -4.11 -15.11 12.41
N HIS A 297 -4.51 -15.80 11.34
CA HIS A 297 -5.92 -15.82 10.98
C HIS A 297 -6.77 -16.47 12.06
N ALA A 298 -6.19 -17.41 12.83
CA ALA A 298 -6.89 -17.98 13.97
C ALA A 298 -7.07 -16.94 15.08
N SER A 299 -5.99 -16.29 15.49
CA SER A 299 -6.09 -15.27 16.54
CA SER A 299 -6.09 -15.26 16.53
C SER A 299 -7.04 -14.15 16.12
N ILE A 300 -7.18 -13.89 14.82
CA ILE A 300 -8.14 -12.90 14.33
C ILE A 300 -9.57 -13.44 14.43
N ASP A 301 -9.79 -14.66 13.92
CA ASP A 301 -11.14 -15.22 13.90
C ASP A 301 -11.73 -15.42 15.30
N ALA A 302 -10.90 -15.37 16.34
CA ALA A 302 -11.38 -15.54 17.71
C ALA A 302 -12.36 -14.43 18.11
N GLU B 1 3.50 27.65 0.19
CA GLU B 1 4.35 26.51 -0.18
C GLU B 1 4.11 25.34 0.76
N ALA B 2 4.24 24.12 0.24
CA ALA B 2 4.01 22.92 1.03
C ALA B 2 4.86 21.77 0.51
N LEU B 3 4.86 20.67 1.24
CA LEU B 3 5.52 19.46 0.78
C LEU B 3 4.80 18.92 -0.45
N PRO B 4 5.50 18.16 -1.31
CA PRO B 4 4.89 17.65 -2.55
C PRO B 4 3.55 16.94 -2.32
N LYS B 5 2.59 17.21 -3.20
CA LYS B 5 1.24 16.67 -3.07
C LYS B 5 0.99 15.41 -3.91
N ALA B 6 -0.08 14.71 -3.56
CA ALA B 6 -0.49 13.46 -4.27
C ALA B 6 -1.03 13.82 -5.66
N THR B 7 -0.50 13.19 -6.70
CA THR B 7 -0.75 13.59 -8.08
C THR B 7 -0.92 12.36 -8.96
N GLY B 8 -1.84 12.42 -9.93
CA GLY B 8 -2.06 11.32 -10.86
C GLY B 8 -1.12 11.34 -12.06
ZN ZN C . -13.17 21.54 14.66
O7 A1JK8 D . -3.33 5.09 -2.05
C8 A1JK8 D . -3.93 4.43 -3.16
C9 A1JK8 D . -3.02 4.44 -4.39
O10 A1JK8 D . -2.16 5.57 -4.44
O13 A1JK8 D . -3.13 2.67 -6.82
C11 A1JK8 D . -4.02 4.46 -5.55
C12 A1JK8 D . -4.33 3.11 -6.15
C18 A1JK8 D . -3.51 -2.38 -8.52
C19 A1JK8 D . -2.57 -3.27 -9.30
C20 A1JK8 D . -2.96 -3.52 -10.76
C22 A1JK8 D . -3.64 -4.88 -10.71
C24 A1JK8 D . -2.83 -5.57 -9.62
C26 A1JK8 D . -2.93 -7.82 -8.44
C28 A1JK8 D . -1.46 -9.40 -8.01
C30 A1JK8 D . -3.54 -9.65 -7.05
C32 A1JK8 D . -3.91 -8.44 -7.68
C34 A1JK8 D . -4.78 -6.66 -8.42
C41 A1JK8 D . -5.15 5.23 -3.64
C43 A1JK8 D . -5.51 7.31 -2.24
C44 A1JK8 D . -6.27 6.65 -1.13
C45 A1JK8 D . -7.75 6.42 -1.45
C46 A1JK8 D . -8.48 5.71 -0.32
C47 A1JK8 D . -9.95 5.43 -0.58
C48 A1JK8 D . -10.64 4.68 0.55
C49 A1JK8 D . -12.16 4.78 0.54
C50 A1JK8 D . -12.80 3.99 1.68
C51 A1JK8 D . -12.38 2.52 1.63
C52 A1JK8 D . -12.38 1.80 2.97
C53 A1JK8 D . -11.74 0.42 2.88
C54 A1JK8 D . -11.64 -0.30 4.22
C55 A1JK8 D . -10.81 0.46 5.25
C56 A1JK8 D . -5.12 8.60 -2.40
C58 A1JK8 D . -3.81 9.75 -4.28
C59 A1JK8 D . -2.98 10.62 -3.37
C60 A1JK8 D . -2.02 11.46 -4.18
N25 A1JK8 D . -3.52 -6.66 -8.91
N27 A1JK8 D . -1.68 -8.25 -8.65
N29 A1JK8 D . -2.29 -10.11 -7.25
N31 A1JK8 D . -4.35 -10.36 -6.26
N33 A1JK8 D . -5.08 -7.70 -7.67
N42 A1JK8 D . -5.05 6.64 -3.32
N57 A1JK8 D . -4.45 8.64 -3.57
N61 A1JK8 D . -4.39 7.45 -4.15
O15 A1JK8 D . -3.83 0.35 -7.21
O17 A1JK8 D . -3.50 -1.08 -9.17
O21 A1JK8 D . -1.79 -3.51 -11.57
O23 A1JK8 D . -3.50 -5.58 -11.95
O35 A1JK8 D . -2.53 -4.57 -8.67
O36 A1JK8 D . -5.83 -0.39 -8.49
O37 A1JK8 D . -4.16 1.24 -9.55
O38 A1JK8 D . -2.56 0.86 -5.16
O39 A1JK8 D . -1.40 1.03 -7.44
O40 A1JK8 D . -5.22 5.07 -5.05
P14 A1JK8 D . -2.61 1.18 -6.60
P16 A1JK8 D . -4.44 0.09 -8.67
#